data_5H13
#
_entry.id   5H13
#
_cell.length_a   150.670
_cell.length_b   45.970
_cell.length_c   51.750
_cell.angle_alpha   90.000
_cell.angle_beta   90.000
_cell.angle_gamma   90.000
#
_symmetry.space_group_name_H-M   'P 21 21 2'
#
loop_
_entity.id
_entity.type
_entity.pdbx_description
1 polymer 'Polycomb protein EED'
2 non-polymer GLYCEROL
3 non-polymer 'PRASEODYMIUM ION'
4 non-polymer 4-azanylidene-2-(3-methoxy-4-propan-2-yloxy-phenyl)-6,7-dihydro-[1,3]benzodioxolo[6,5-a]quinolizine-3-carbonitrile
5 water water
#
_entity_poly.entity_id   1
_entity_poly.type   'polypeptide(L)'
_entity_poly.pdbx_seq_one_letter_code
;GILENLYFQGKKCKYSFKCVNSLKEDHNQPLFGVQFNWHSKEGDPLVFATVGSNRVTLYECHSQGEIRLLQSYVDADADE
NFYTCAWTYDSNTSHPLLAVAGSRGIIRIINPITMQCIKHYVGHGNAINELKFHPRDPNLLLSVSKDHALRLWNIQTDTL
VAIFGGVEGHRDEVLSADYDLLGEKIMSCGMDHSLKLWRINSKRMMNAIKESYDYNPNKTNRPFISQKIHFPDFSTRDIH
RNYVDCVRWLGDLILSKSCENAIVCWKPGKMEDDIDKIKPSESNVTILGRFDYSQCDIWYMRFSMDFWQKMLALGNQVGK
LYVWDLEVEDPHKAKCTTLTHHKCGAAIRQTSFSRDSSILIAVCDDASIWRWDRLR
;
_entity_poly.pdbx_strand_id   A
#
loop_
_chem_comp.id
_chem_comp.type
_chem_comp.name
_chem_comp.formula
GOL non-polymer GLYCEROL 'C3 H8 O3'
LQA non-polymer 4-azanylidene-2-(3-methoxy-4-propan-2-yloxy-phenyl)-6,7-dihydro-[1,3]benzodioxolo[6,5-a]quinolizine-3-carbonitrile 'C25 H23 N3 O4'
PR non-polymer 'PRASEODYMIUM ION' 'Pr 3'
#
# COMPACT_ATOMS: atom_id res chain seq x y z
N GLY A 1 7.40 -18.65 -31.20
CA GLY A 1 6.25 -19.24 -30.52
C GLY A 1 6.60 -20.51 -29.80
N ILE A 2 6.86 -21.58 -30.55
CA ILE A 2 7.28 -22.89 -30.04
C ILE A 2 8.61 -22.72 -29.28
N LEU A 3 9.56 -21.96 -29.86
CA LEU A 3 10.87 -21.73 -29.29
C LEU A 3 10.81 -21.00 -27.95
N GLU A 4 9.96 -19.96 -27.85
CA GLU A 4 9.83 -19.19 -26.64
C GLU A 4 9.10 -19.98 -25.51
N ASN A 5 8.18 -20.88 -25.89
CA ASN A 5 7.48 -21.75 -24.93
C ASN A 5 8.41 -22.85 -24.37
N LEU A 6 9.29 -23.37 -25.22
CA LEU A 6 10.28 -24.38 -24.85
C LEU A 6 11.27 -23.72 -23.88
N TYR A 7 11.67 -22.46 -24.18
CA TYR A 7 12.56 -21.69 -23.30
C TYR A 7 11.88 -21.45 -21.92
N PHE A 8 10.65 -20.89 -21.92
CA PHE A 8 9.87 -20.67 -20.70
C PHE A 8 9.68 -21.96 -19.88
N GLN A 9 9.23 -23.07 -20.51
CA GLN A 9 9.03 -24.34 -19.82
C GLN A 9 10.33 -24.96 -19.29
N GLY A 10 11.40 -24.91 -20.09
CA GLY A 10 12.68 -25.51 -19.71
C GLY A 10 13.28 -24.92 -18.45
N LYS A 11 13.29 -23.59 -18.37
CA LYS A 11 13.88 -22.93 -17.21
C LYS A 11 12.95 -22.91 -16.03
N LYS A 12 11.63 -22.93 -16.32
CA LYS A 12 10.54 -22.85 -15.33
C LYS A 12 10.84 -23.56 -14.03
N CYS A 13 10.74 -22.81 -12.94
CA CYS A 13 10.89 -23.25 -11.56
C CYS A 13 10.01 -22.30 -10.71
N LYS A 14 8.70 -22.26 -11.08
CA LYS A 14 7.58 -21.50 -10.53
C LYS A 14 7.74 -21.05 -9.04
N TYR A 15 7.24 -19.84 -8.73
CA TYR A 15 7.24 -19.24 -7.39
C TYR A 15 6.64 -20.24 -6.39
N SER A 16 7.46 -20.66 -5.41
CA SER A 16 7.07 -21.66 -4.41
C SER A 16 7.36 -21.13 -3.02
N PHE A 17 6.41 -21.28 -2.12
CA PHE A 17 6.61 -20.79 -0.77
C PHE A 17 6.22 -21.83 0.26
N LYS A 18 6.91 -21.81 1.40
CA LYS A 18 6.52 -22.71 2.47
C LYS A 18 6.40 -21.99 3.77
N CYS A 19 5.32 -22.30 4.50
CA CYS A 19 5.05 -21.69 5.79
C CYS A 19 6.02 -22.29 6.77
N VAL A 20 6.92 -21.46 7.27
CA VAL A 20 7.98 -21.85 8.22
C VAL A 20 7.58 -21.53 9.65
N ASN A 21 6.75 -20.48 9.85
CA ASN A 21 6.35 -20.06 11.18
C ASN A 21 5.04 -19.28 11.22
N SER A 22 4.47 -19.17 12.42
CA SER A 22 3.26 -18.42 12.71
C SER A 22 3.21 -18.03 14.18
N LEU A 23 2.62 -16.87 14.45
CA LEU A 23 2.47 -16.27 15.77
C LEU A 23 1.05 -15.77 15.91
N LYS A 24 0.64 -15.50 17.14
CA LYS A 24 -0.64 -14.92 17.46
C LYS A 24 -0.34 -13.78 18.42
N GLU A 25 -0.97 -12.62 18.18
CA GLU A 25 -0.78 -11.44 19.02
C GLU A 25 -1.79 -11.53 20.20
N ASP A 26 -1.30 -11.38 21.44
CA ASP A 26 -2.07 -11.53 22.69
C ASP A 26 -3.38 -10.72 22.77
N HIS A 27 -3.47 -9.57 22.06
CA HIS A 27 -4.66 -8.73 22.06
C HIS A 27 -5.91 -9.33 21.39
N ASN A 28 -5.75 -10.42 20.58
CA ASN A 28 -6.82 -11.13 19.84
C ASN A 28 -7.58 -10.27 18.80
N GLN A 29 -7.16 -9.01 18.60
CA GLN A 29 -7.80 -8.09 17.66
C GLN A 29 -7.23 -8.21 16.24
N PRO A 30 -8.01 -7.91 15.18
CA PRO A 30 -7.47 -7.97 13.82
C PRO A 30 -6.21 -7.13 13.61
N LEU A 31 -5.26 -7.66 12.81
CA LEU A 31 -4.05 -6.95 12.40
C LEU A 31 -4.41 -6.40 11.03
N PHE A 32 -4.34 -5.08 10.88
CA PHE A 32 -4.76 -4.45 9.64
C PHE A 32 -3.63 -4.17 8.67
N GLY A 33 -2.42 -4.09 9.20
CA GLY A 33 -1.29 -3.76 8.34
C GLY A 33 0.01 -4.41 8.67
N VAL A 34 0.86 -4.53 7.66
CA VAL A 34 2.19 -5.10 7.86
C VAL A 34 3.10 -4.52 6.80
N GLN A 35 4.30 -4.07 7.21
CA GLN A 35 5.26 -3.52 6.27
C GLN A 35 6.68 -3.88 6.71
N PHE A 36 7.46 -4.48 5.81
CA PHE A 36 8.89 -4.68 6.00
C PHE A 36 9.57 -3.36 5.70
N ASN A 37 10.75 -3.10 6.34
CA ASN A 37 11.52 -1.89 6.04
C ASN A 37 12.30 -2.16 4.77
N TRP A 38 12.01 -1.40 3.71
CA TRP A 38 12.67 -1.51 2.42
C TRP A 38 13.81 -0.47 2.29
N HIS A 39 14.06 0.32 3.36
CA HIS A 39 15.15 1.33 3.41
C HIS A 39 16.35 0.81 4.17
N LEU A 46 14.71 -7.43 6.64
CA LEU A 46 14.71 -8.30 7.82
C LEU A 46 13.64 -7.89 8.89
N VAL A 47 13.47 -6.60 9.14
CA VAL A 47 12.57 -6.07 10.17
C VAL A 47 11.22 -5.62 9.59
N PHE A 48 10.10 -6.01 10.25
CA PHE A 48 8.77 -5.61 9.80
C PHE A 48 7.92 -5.12 10.95
N ALA A 49 6.96 -4.24 10.65
CA ALA A 49 6.05 -3.72 11.67
C ALA A 49 4.65 -4.17 11.40
N THR A 50 3.85 -4.42 12.46
CA THR A 50 2.46 -4.83 12.34
C THR A 50 1.60 -3.82 13.08
N VAL A 51 0.40 -3.56 12.60
CA VAL A 51 -0.51 -2.60 13.22
C VAL A 51 -1.85 -3.25 13.41
N GLY A 52 -2.45 -2.97 14.56
CA GLY A 52 -3.74 -3.50 14.93
C GLY A 52 -4.05 -3.06 16.33
N SER A 53 -5.33 -2.86 16.65
CA SER A 53 -5.74 -2.30 17.95
C SER A 53 -4.95 -1.00 18.15
N ASN A 54 -4.49 -0.71 19.37
CA ASN A 54 -3.70 0.48 19.66
C ASN A 54 -2.23 0.12 19.74
N ARG A 55 -1.83 -0.94 19.03
CA ARG A 55 -0.46 -1.41 19.04
C ARG A 55 0.24 -1.35 17.71
N VAL A 56 1.56 -1.10 17.76
CA VAL A 56 2.50 -1.11 16.64
C VAL A 56 3.58 -2.05 17.14
N THR A 57 3.75 -3.21 16.51
CA THR A 57 4.74 -4.17 16.96
C THR A 57 5.86 -4.34 15.94
N LEU A 58 7.11 -4.32 16.40
CA LEU A 58 8.28 -4.49 15.55
C LEU A 58 8.82 -5.92 15.69
N TYR A 59 9.00 -6.61 14.56
CA TYR A 59 9.54 -7.97 14.50
C TYR A 59 10.77 -8.04 13.62
N GLU A 60 11.59 -9.08 13.82
CA GLU A 60 12.78 -9.34 13.03
C GLU A 60 12.78 -10.81 12.60
N CYS A 61 13.01 -11.04 11.31
CA CYS A 61 13.05 -12.38 10.74
C CYS A 61 14.44 -12.97 10.90
N HIS A 62 14.50 -14.21 11.39
CA HIS A 62 15.76 -14.93 11.59
C HIS A 62 15.81 -16.27 10.88
N SER A 63 16.99 -16.93 10.91
CA SER A 63 17.24 -18.26 10.36
C SER A 63 16.38 -19.29 11.10
N GLN A 64 16.07 -20.42 10.44
CA GLN A 64 15.22 -21.51 10.95
C GLN A 64 13.75 -21.08 11.02
N GLY A 65 13.42 -20.04 10.26
CA GLY A 65 12.09 -19.48 10.17
C GLY A 65 11.58 -18.85 11.45
N GLU A 66 12.48 -18.29 12.26
CA GLU A 66 12.09 -17.68 13.52
C GLU A 66 11.63 -16.24 13.32
N ILE A 67 10.53 -15.87 14.01
CA ILE A 67 9.98 -14.51 14.05
C ILE A 67 10.29 -14.01 15.45
N ARG A 68 11.12 -12.97 15.57
CA ARG A 68 11.53 -12.43 16.85
C ARG A 68 10.85 -11.11 17.17
N LEU A 69 10.11 -11.06 18.30
CA LEU A 69 9.49 -9.84 18.78
C LEU A 69 10.64 -8.95 19.27
N LEU A 70 10.63 -7.68 18.89
CA LEU A 70 11.65 -6.72 19.27
C LEU A 70 11.11 -5.82 20.37
N GLN A 71 10.23 -4.88 19.98
CA GLN A 71 9.60 -3.92 20.87
C GLN A 71 8.21 -3.59 20.36
N SER A 72 7.41 -2.96 21.21
CA SER A 72 6.06 -2.58 20.85
C SER A 72 5.74 -1.19 21.32
N TYR A 73 4.96 -0.45 20.51
CA TYR A 73 4.49 0.87 20.89
C TYR A 73 3.02 0.66 21.18
N VAL A 74 2.61 1.02 22.39
CA VAL A 74 1.23 0.90 22.85
C VAL A 74 0.75 2.32 23.00
N ASP A 75 -0.31 2.70 22.26
CA ASP A 75 -0.84 4.05 22.33
C ASP A 75 -1.54 4.23 23.68
N ALA A 76 -1.36 5.42 24.31
CA ALA A 76 -1.96 5.75 25.61
C ALA A 76 -3.48 5.69 25.52
N ASP A 77 -4.03 6.03 24.33
CA ASP A 77 -5.45 5.91 24.09
C ASP A 77 -5.71 4.47 23.65
N ALA A 78 -6.34 3.70 24.55
CA ALA A 78 -6.70 2.29 24.31
C ALA A 78 -7.78 2.17 23.22
N ASP A 79 -8.49 3.27 22.88
CA ASP A 79 -9.55 3.27 21.87
C ASP A 79 -9.01 3.55 20.43
N GLU A 80 -7.71 3.85 20.31
CA GLU A 80 -7.05 4.08 19.01
C GLU A 80 -6.96 2.71 18.28
N ASN A 81 -7.18 2.72 16.95
CA ASN A 81 -7.14 1.53 16.11
C ASN A 81 -6.29 1.93 14.91
N PHE A 82 -5.02 1.52 14.90
CA PHE A 82 -4.09 1.87 13.81
C PHE A 82 -4.42 1.02 12.61
N TYR A 83 -4.52 1.62 11.41
CA TYR A 83 -4.90 0.87 10.20
C TYR A 83 -3.78 0.74 9.25
N THR A 84 -2.75 1.56 9.44
CA THR A 84 -1.66 1.69 8.49
C THR A 84 -0.34 2.11 9.12
N CYS A 85 0.74 1.79 8.45
CA CYS A 85 2.08 2.20 8.80
C CYS A 85 2.92 2.31 7.55
N ALA A 86 3.99 3.11 7.58
CA ALA A 86 4.88 3.27 6.44
C ALA A 86 6.23 3.62 6.99
N TRP A 87 7.27 3.11 6.38
CA TRP A 87 8.66 3.35 6.75
C TRP A 87 9.29 4.48 5.93
N THR A 88 10.18 5.24 6.59
CA THR A 88 11.02 6.24 5.94
C THR A 88 12.39 6.21 6.68
N TYR A 89 13.21 7.23 6.43
CA TYR A 89 14.49 7.42 7.08
C TYR A 89 14.70 8.91 7.28
N ASP A 90 15.50 9.28 8.31
CA ASP A 90 15.85 10.67 8.55
C ASP A 90 16.81 11.08 7.41
N SER A 91 16.46 12.12 6.63
CA SER A 91 17.25 12.60 5.49
C SER A 91 18.69 13.04 5.86
N ASN A 92 19.00 13.19 7.16
CA ASN A 92 20.31 13.60 7.63
C ASN A 92 21.09 12.45 8.26
N THR A 93 20.55 11.86 9.36
CA THR A 93 21.18 10.77 10.13
C THR A 93 21.05 9.37 9.50
N SER A 94 20.16 9.22 8.47
CA SER A 94 19.82 7.97 7.76
C SER A 94 19.20 6.89 8.70
N HIS A 95 18.81 7.28 9.93
CA HIS A 95 18.17 6.38 10.89
C HIS A 95 16.72 6.12 10.46
N PRO A 96 16.14 4.94 10.73
CA PRO A 96 14.79 4.67 10.24
C PRO A 96 13.70 5.32 11.06
N LEU A 97 12.57 5.68 10.40
CA LEU A 97 11.40 6.26 11.05
C LEU A 97 10.18 5.45 10.61
N LEU A 98 9.16 5.41 11.43
CA LEU A 98 7.93 4.71 11.09
C LEU A 98 6.75 5.59 11.36
N ALA A 99 5.87 5.77 10.36
CA ALA A 99 4.67 6.57 10.54
C ALA A 99 3.53 5.62 10.75
N VAL A 100 2.62 5.95 11.66
CA VAL A 100 1.47 5.09 11.92
C VAL A 100 0.25 5.96 12.03
N ALA A 101 -0.92 5.43 11.60
CA ALA A 101 -2.16 6.19 11.77
C ALA A 101 -3.40 5.32 11.71
N GLY A 102 -4.52 5.85 12.18
CA GLY A 102 -5.75 5.10 12.16
C GLY A 102 -6.99 5.88 12.48
N SER A 103 -7.91 5.25 13.25
CA SER A 103 -9.22 5.75 13.59
C SER A 103 -9.24 7.14 14.26
N ARG A 104 -8.24 7.51 15.05
CA ARG A 104 -8.24 8.85 15.71
C ARG A 104 -7.90 9.99 14.77
N GLY A 105 -7.23 9.68 13.66
CA GLY A 105 -6.85 10.71 12.69
C GLY A 105 -5.59 11.43 13.08
N ILE A 106 -4.69 10.75 13.80
CA ILE A 106 -3.43 11.35 14.19
C ILE A 106 -2.32 10.56 13.56
N ILE A 107 -1.38 11.22 12.91
CA ILE A 107 -0.20 10.53 12.39
C ILE A 107 0.87 10.58 13.49
N ARG A 108 1.40 9.44 13.86
CA ARG A 108 2.50 9.43 14.82
C ARG A 108 3.75 9.05 14.13
N ILE A 109 4.81 9.84 14.31
CA ILE A 109 6.12 9.49 13.77
C ILE A 109 6.84 8.79 14.92
N ILE A 110 7.08 7.49 14.77
CA ILE A 110 7.73 6.62 15.74
C ILE A 110 9.20 6.34 15.38
N ASN A 111 10.09 6.45 16.39
CA ASN A 111 11.50 6.07 16.26
C ASN A 111 11.47 4.55 16.51
N PRO A 112 11.71 3.67 15.50
CA PRO A 112 11.59 2.21 15.74
C PRO A 112 12.71 1.58 16.57
N ILE A 113 13.82 2.32 16.78
CA ILE A 113 14.96 1.89 17.60
C ILE A 113 14.50 1.76 19.06
N THR A 114 13.71 2.73 19.56
CA THR A 114 13.18 2.73 20.93
C THR A 114 11.67 2.57 20.99
N MET A 115 10.99 2.52 19.82
CA MET A 115 9.54 2.40 19.67
C MET A 115 8.80 3.47 20.47
N GLN A 116 9.25 4.73 20.31
CA GLN A 116 8.66 5.91 20.91
C GLN A 116 8.18 6.89 19.84
N CYS A 117 7.06 7.56 20.11
CA CYS A 117 6.53 8.58 19.24
C CYS A 117 7.35 9.87 19.45
N ILE A 118 8.04 10.34 18.39
CA ILE A 118 8.88 11.54 18.49
C ILE A 118 8.12 12.81 18.05
N LYS A 119 7.07 12.68 17.24
CA LYS A 119 6.20 13.78 16.81
C LYS A 119 4.89 13.25 16.26
N HIS A 120 3.89 14.14 16.14
CA HIS A 120 2.60 13.74 15.64
C HIS A 120 1.98 14.85 14.82
N TYR A 121 1.07 14.48 13.87
CA TYR A 121 0.41 15.47 13.01
C TYR A 121 -1.08 15.24 13.00
N VAL A 122 -1.84 16.34 12.92
CA VAL A 122 -3.29 16.27 12.83
C VAL A 122 -3.78 17.14 11.69
N GLY A 123 -4.63 16.54 10.86
CA GLY A 123 -5.29 17.21 9.76
C GLY A 123 -6.53 17.83 10.37
N HIS A 124 -7.67 17.20 10.13
CA HIS A 124 -8.96 17.62 10.70
C HIS A 124 -9.47 16.64 11.77
N GLY A 125 -8.63 15.66 12.13
CA GLY A 125 -8.93 14.67 13.17
C GLY A 125 -9.77 13.49 12.74
N ASN A 126 -9.93 13.28 11.43
CA ASN A 126 -10.72 12.19 10.81
C ASN A 126 -9.88 10.95 10.49
N ALA A 127 -10.47 9.73 10.56
CA ALA A 127 -9.73 8.48 10.39
C ALA A 127 -8.81 8.46 9.16
N ILE A 128 -7.56 8.01 9.34
CA ILE A 128 -6.59 7.88 8.25
C ILE A 128 -6.52 6.39 7.85
N ASN A 129 -6.77 6.09 6.56
CA ASN A 129 -6.86 4.75 5.97
C ASN A 129 -5.57 4.25 5.36
N GLU A 130 -4.69 5.16 4.96
CA GLU A 130 -3.41 4.73 4.42
C GLU A 130 -2.38 5.83 4.48
N LEU A 131 -1.11 5.43 4.65
CA LEU A 131 0.04 6.34 4.66
C LEU A 131 1.03 5.85 3.63
N LYS A 132 1.69 6.77 2.89
CA LYS A 132 2.73 6.36 1.95
C LYS A 132 3.81 7.43 1.95
N PHE A 133 5.09 7.05 1.97
CA PHE A 133 6.16 8.03 1.85
C PHE A 133 6.57 8.14 0.36
N HIS A 134 6.91 9.36 -0.10
CA HIS A 134 7.37 9.66 -1.46
C HIS A 134 8.60 8.83 -1.75
N PRO A 135 8.71 8.19 -2.94
CA PRO A 135 9.87 7.30 -3.19
C PRO A 135 11.22 7.99 -3.33
N ARG A 136 11.26 9.31 -3.56
CA ARG A 136 12.49 10.09 -3.78
C ARG A 136 12.77 11.07 -2.65
N ASP A 137 11.73 11.51 -1.92
CA ASP A 137 11.90 12.44 -0.81
C ASP A 137 11.43 11.77 0.45
N PRO A 138 12.35 11.44 1.39
CA PRO A 138 11.92 10.71 2.60
C PRO A 138 11.13 11.56 3.57
N ASN A 139 11.05 12.87 3.32
CA ASN A 139 10.31 13.79 4.16
C ASN A 139 8.85 13.95 3.79
N LEU A 140 8.45 13.57 2.56
CA LEU A 140 7.08 13.77 2.06
C LEU A 140 6.18 12.59 2.33
N LEU A 141 5.18 12.82 3.17
CA LEU A 141 4.27 11.81 3.64
C LEU A 141 2.87 12.09 3.17
N LEU A 142 2.24 11.11 2.55
CA LEU A 142 0.88 11.23 2.04
C LEU A 142 -0.03 10.47 2.95
N SER A 143 -1.15 11.07 3.28
CA SER A 143 -2.15 10.40 4.09
C SER A 143 -3.46 10.47 3.37
N VAL A 144 -4.31 9.45 3.50
CA VAL A 144 -5.63 9.41 2.85
C VAL A 144 -6.66 9.26 3.93
N SER A 145 -7.78 9.96 3.82
CA SER A 145 -8.68 10.04 4.96
C SER A 145 -10.13 9.76 4.70
N LYS A 146 -10.84 9.38 5.77
CA LYS A 146 -12.29 9.20 5.79
C LYS A 146 -12.99 10.55 5.48
N ASP A 147 -12.27 11.69 5.59
CA ASP A 147 -12.87 13.01 5.29
C ASP A 147 -12.77 13.39 3.80
N HIS A 148 -12.47 12.41 2.92
CA HIS A 148 -12.47 12.51 1.45
C HIS A 148 -11.29 13.19 0.84
N ALA A 149 -10.31 13.52 1.67
CA ALA A 149 -9.13 14.24 1.17
C ALA A 149 -7.89 13.43 1.34
N LEU A 150 -6.87 13.82 0.56
CA LEU A 150 -5.52 13.28 0.68
C LEU A 150 -4.74 14.46 1.17
N ARG A 151 -3.73 14.24 2.01
CA ARG A 151 -2.91 15.35 2.53
C ARG A 151 -1.45 14.99 2.37
N LEU A 152 -0.64 15.95 1.89
CA LEU A 152 0.81 15.78 1.71
C LEU A 152 1.49 16.58 2.82
N TRP A 153 2.30 15.91 3.65
CA TRP A 153 3.01 16.52 4.79
C TRP A 153 4.50 16.55 4.55
N ASN A 154 5.18 17.58 5.05
CA ASN A 154 6.63 17.63 5.01
C ASN A 154 7.03 17.35 6.46
N ILE A 155 7.58 16.17 6.73
CA ILE A 155 7.88 15.80 8.12
C ILE A 155 9.22 16.43 8.63
N GLN A 156 10.05 17.02 7.74
CA GLN A 156 11.26 17.72 8.14
C GLN A 156 10.90 19.10 8.70
N THR A 157 9.94 19.82 8.07
CA THR A 157 9.52 21.15 8.51
C THR A 157 8.17 21.21 9.21
N ASP A 158 7.51 20.05 9.41
CA ASP A 158 6.21 19.94 10.10
C ASP A 158 5.13 20.80 9.47
N THR A 159 5.03 20.73 8.15
CA THR A 159 4.05 21.54 7.43
C THR A 159 3.14 20.66 6.62
N LEU A 160 1.90 21.07 6.49
CA LEU A 160 0.95 20.41 5.62
C LEU A 160 1.14 21.11 4.25
N VAL A 161 1.81 20.45 3.30
CA VAL A 161 2.10 21.04 1.99
C VAL A 161 0.80 21.33 1.18
N ALA A 162 -0.07 20.31 1.06
CA ALA A 162 -1.26 20.36 0.22
C ALA A 162 -2.37 19.44 0.68
N ILE A 163 -3.59 19.80 0.33
CA ILE A 163 -4.83 19.04 0.56
C ILE A 163 -5.40 18.76 -0.81
N PHE A 164 -5.58 17.48 -1.16
CA PHE A 164 -6.13 17.06 -2.46
C PHE A 164 -7.57 16.67 -2.23
N GLY A 165 -8.46 17.52 -2.64
CA GLY A 165 -9.87 17.29 -2.42
C GLY A 165 -10.61 18.59 -2.63
N GLY A 166 -11.90 18.51 -2.84
CA GLY A 166 -12.72 19.69 -3.05
C GLY A 166 -13.70 19.50 -4.16
N VAL A 167 -13.86 20.51 -5.03
CA VAL A 167 -14.83 20.50 -6.14
C VAL A 167 -14.86 19.20 -6.93
N GLU A 168 -13.68 18.73 -7.38
CA GLU A 168 -13.57 17.50 -8.15
C GLU A 168 -12.73 16.43 -7.43
N GLY A 169 -12.60 16.54 -6.10
CA GLY A 169 -11.92 15.52 -5.30
C GLY A 169 -12.87 14.36 -5.05
N HIS A 170 -12.41 13.36 -4.30
CA HIS A 170 -13.26 12.23 -3.92
C HIS A 170 -14.53 12.69 -3.20
N ARG A 171 -15.64 11.99 -3.43
CA ARG A 171 -16.93 12.30 -2.78
C ARG A 171 -17.25 11.42 -1.59
N ASP A 172 -16.31 10.53 -1.21
CA ASP A 172 -16.42 9.69 -0.04
C ASP A 172 -15.03 9.27 0.40
N GLU A 173 -14.99 8.50 1.46
CA GLU A 173 -13.76 8.06 2.09
C GLU A 173 -12.70 7.63 1.06
N VAL A 174 -11.48 8.10 1.23
CA VAL A 174 -10.34 7.70 0.39
C VAL A 174 -9.73 6.52 1.13
N LEU A 175 -9.55 5.40 0.41
CA LEU A 175 -9.05 4.21 1.09
C LEU A 175 -7.60 3.92 0.84
N SER A 176 -7.09 4.34 -0.32
CA SER A 176 -5.71 3.92 -0.67
C SER A 176 -5.11 4.90 -1.65
N ALA A 177 -3.77 4.93 -1.76
CA ALA A 177 -3.12 5.80 -2.77
C ALA A 177 -1.76 5.29 -2.93
N ASP A 178 -1.13 5.71 -4.02
CA ASP A 178 0.22 5.21 -4.27
C ASP A 178 0.91 6.21 -5.13
N TYR A 179 2.21 6.34 -4.93
CA TYR A 179 3.04 7.21 -5.77
C TYR A 179 3.56 6.38 -6.95
N ASP A 180 3.85 7.00 -8.10
CA ASP A 180 4.53 6.27 -9.16
C ASP A 180 6.04 6.15 -8.77
N LEU A 181 6.83 5.46 -9.58
CA LEU A 181 8.25 5.21 -9.34
C LEU A 181 9.05 6.45 -9.01
N LEU A 182 8.88 7.54 -9.77
CA LEU A 182 9.61 8.78 -9.49
C LEU A 182 8.92 9.73 -8.52
N GLY A 183 7.68 9.44 -8.15
CA GLY A 183 6.98 10.34 -7.24
C GLY A 183 6.55 11.60 -7.94
N GLU A 184 6.26 11.49 -9.26
CA GLU A 184 5.73 12.65 -10.00
C GLU A 184 4.24 12.66 -9.92
N LYS A 185 3.63 11.52 -9.61
CA LYS A 185 2.16 11.50 -9.57
C LYS A 185 1.63 10.51 -8.57
N ILE A 186 0.37 10.75 -8.18
CA ILE A 186 -0.30 9.89 -7.16
C ILE A 186 -1.59 9.37 -7.78
N MET A 187 -1.90 8.10 -7.58
CA MET A 187 -3.21 7.58 -7.97
C MET A 187 -3.93 7.27 -6.64
N SER A 188 -5.18 7.75 -6.46
CA SER A 188 -5.92 7.53 -5.20
C SER A 188 -7.22 6.84 -5.52
N CYS A 189 -7.81 6.12 -4.55
CA CYS A 189 -9.07 5.46 -4.81
C CYS A 189 -9.94 5.46 -3.59
N GLY A 190 -11.23 5.24 -3.77
CA GLY A 190 -12.05 5.14 -2.58
C GLY A 190 -13.47 4.68 -2.71
N MET A 191 -14.20 5.02 -1.66
CA MET A 191 -15.57 4.60 -1.42
C MET A 191 -16.58 5.25 -2.35
N ASP A 192 -16.13 6.18 -3.26
CA ASP A 192 -16.99 6.84 -4.26
C ASP A 192 -16.82 6.13 -5.62
N HIS A 193 -16.11 4.97 -5.59
CA HIS A 193 -15.86 4.08 -6.74
C HIS A 193 -14.92 4.70 -7.76
N SER A 194 -14.27 5.83 -7.46
CA SER A 194 -13.42 6.37 -8.50
C SER A 194 -11.94 6.23 -8.20
N LEU A 195 -11.15 6.39 -9.24
CA LEU A 195 -9.66 6.39 -9.18
C LEU A 195 -9.31 7.75 -9.81
N LYS A 196 -8.46 8.51 -9.11
CA LYS A 196 -8.06 9.87 -9.50
C LYS A 196 -6.57 9.98 -9.53
N LEU A 197 -6.05 10.63 -10.57
CA LEU A 197 -4.62 10.88 -10.71
C LEU A 197 -4.33 12.32 -10.26
N TRP A 198 -3.27 12.53 -9.46
CA TRP A 198 -2.93 13.87 -9.02
C TRP A 198 -1.46 14.08 -9.35
N ARG A 199 -1.15 15.03 -10.24
CA ARG A 199 0.24 15.27 -10.64
C ARG A 199 0.89 16.14 -9.62
N ILE A 200 1.97 15.67 -9.01
CA ILE A 200 2.63 16.52 -8.01
C ILE A 200 3.93 17.13 -8.56
N ASN A 201 4.17 17.00 -9.90
CA ASN A 201 5.33 17.66 -10.57
C ASN A 201 4.80 18.88 -11.33
N SER A 202 3.58 19.31 -11.04
CA SER A 202 3.00 20.52 -11.67
C SER A 202 3.72 21.72 -11.03
N LYS A 203 3.71 22.89 -11.72
CA LYS A 203 4.37 24.09 -11.23
C LYS A 203 3.88 24.46 -9.83
N ARG A 204 2.56 24.36 -9.62
CA ARG A 204 1.90 24.70 -8.36
C ARG A 204 2.37 23.82 -7.19
N MET A 205 2.49 22.51 -7.43
CA MET A 205 2.93 21.58 -6.37
C MET A 205 4.45 21.66 -6.12
N MET A 206 5.24 21.86 -7.20
CA MET A 206 6.69 22.03 -7.05
C MET A 206 6.97 23.25 -6.18
N ASN A 207 6.27 24.38 -6.44
CA ASN A 207 6.41 25.60 -5.64
C ASN A 207 5.96 25.38 -4.18
N ALA A 208 4.85 24.64 -3.96
CA ALA A 208 4.34 24.38 -2.61
C ALA A 208 5.35 23.54 -1.81
N ILE A 209 5.98 22.54 -2.45
CA ILE A 209 6.99 21.71 -1.80
C ILE A 209 8.23 22.57 -1.46
N LYS A 210 8.67 23.44 -2.39
CA LYS A 210 9.82 24.34 -2.16
C LYS A 210 9.52 25.25 -1.00
N GLU A 211 8.32 25.89 -1.00
CA GLU A 211 7.92 26.78 0.09
C GLU A 211 7.92 26.04 1.40
N SER A 212 7.47 24.75 1.40
CA SER A 212 7.41 23.93 2.62
C SER A 212 8.81 23.75 3.21
N TYR A 213 9.84 23.72 2.36
CA TYR A 213 11.25 23.58 2.79
C TYR A 213 11.89 24.89 3.21
N ASP A 214 11.16 26.00 3.04
CA ASP A 214 11.59 27.34 3.40
C ASP A 214 10.96 27.76 4.75
N TYR A 215 10.17 26.85 5.36
CA TYR A 215 9.49 27.09 6.64
C TYR A 215 10.37 26.66 7.80
N PHE A 224 1.92 27.96 8.04
CA PHE A 224 2.11 27.71 6.60
C PHE A 224 0.78 27.60 5.86
N ILE A 225 0.66 28.25 4.68
CA ILE A 225 -0.57 28.20 3.90
C ILE A 225 -0.51 26.96 3.00
N SER A 226 -1.44 26.03 3.20
CA SER A 226 -1.47 24.79 2.40
C SER A 226 -2.18 25.02 1.07
N GLN A 227 -1.75 24.33 0.00
CA GLN A 227 -2.44 24.43 -1.28
C GLN A 227 -3.63 23.52 -1.19
N LYS A 228 -4.74 23.96 -1.72
CA LYS A 228 -5.92 23.12 -1.78
C LYS A 228 -6.06 22.80 -3.23
N ILE A 229 -5.80 21.56 -3.56
CA ILE A 229 -5.87 21.09 -4.94
C ILE A 229 -7.24 20.50 -5.12
N HIS A 230 -8.10 21.21 -5.87
CA HIS A 230 -9.50 20.80 -6.07
C HIS A 230 -9.71 19.87 -7.25
N PHE A 231 -8.82 19.89 -8.23
CA PHE A 231 -9.04 19.09 -9.44
C PHE A 231 -7.96 18.09 -9.69
N PRO A 232 -8.31 16.82 -9.87
CA PRO A 232 -7.28 15.84 -10.25
C PRO A 232 -6.93 16.01 -11.74
N ASP A 233 -5.84 15.36 -12.17
CA ASP A 233 -5.39 15.41 -13.58
C ASP A 233 -6.04 14.35 -14.44
N PHE A 234 -6.79 13.43 -13.81
CA PHE A 234 -7.50 12.37 -14.48
C PHE A 234 -8.44 11.72 -13.46
N SER A 235 -9.61 11.27 -13.89
CA SER A 235 -10.56 10.62 -13.00
C SER A 235 -11.34 9.60 -13.74
N THR A 236 -11.64 8.48 -13.08
CA THR A 236 -12.44 7.44 -13.70
C THR A 236 -13.26 6.66 -12.73
N ARG A 237 -14.47 6.29 -13.13
CA ARG A 237 -15.33 5.38 -12.37
C ARG A 237 -15.67 4.17 -13.28
N ASP A 238 -14.96 4.03 -14.41
CA ASP A 238 -15.17 3.00 -15.42
C ASP A 238 -14.45 1.68 -15.19
N ILE A 239 -13.61 1.61 -14.15
CA ILE A 239 -12.84 0.41 -13.89
C ILE A 239 -13.62 -0.59 -13.04
N HIS A 240 -14.20 -0.12 -11.95
CA HIS A 240 -14.88 -1.00 -11.02
C HIS A 240 -16.34 -0.56 -10.88
N ARG A 241 -17.26 -1.53 -10.66
CA ARG A 241 -18.69 -1.26 -10.42
C ARG A 241 -19.04 -1.16 -8.93
N ASN A 242 -18.01 -1.11 -8.06
CA ASN A 242 -18.14 -0.91 -6.62
C ASN A 242 -16.92 -0.16 -6.06
N TYR A 243 -16.88 0.10 -4.74
CA TYR A 243 -15.78 0.86 -4.08
C TYR A 243 -14.42 0.27 -4.44
N VAL A 244 -13.37 1.07 -4.43
CA VAL A 244 -12.01 0.59 -4.78
C VAL A 244 -11.18 0.70 -3.48
N ASP A 245 -10.69 -0.42 -2.94
CA ASP A 245 -10.02 -0.35 -1.66
C ASP A 245 -8.51 -0.43 -1.71
N CYS A 246 -7.92 -0.72 -2.88
CA CYS A 246 -6.45 -0.79 -2.93
C CYS A 246 -5.97 -0.39 -4.32
N VAL A 247 -4.89 0.43 -4.44
CA VAL A 247 -4.41 0.86 -5.76
C VAL A 247 -2.91 0.89 -5.71
N ARG A 248 -2.22 0.42 -6.77
CA ARG A 248 -0.77 0.52 -6.80
C ARG A 248 -0.33 0.80 -8.22
N TRP A 249 0.77 1.51 -8.43
CA TRP A 249 1.35 1.70 -9.75
C TRP A 249 2.16 0.47 -10.14
N LEU A 250 2.15 0.14 -11.42
CA LEU A 250 2.94 -0.97 -11.93
C LEU A 250 3.61 -0.37 -13.17
N GLY A 251 4.70 0.35 -12.96
CA GLY A 251 5.36 1.13 -14.00
C GLY A 251 4.41 2.26 -14.36
N ASP A 252 3.99 2.31 -15.64
CA ASP A 252 3.02 3.31 -16.10
C ASP A 252 1.61 2.74 -16.09
N LEU A 253 1.43 1.53 -15.57
CA LEU A 253 0.08 0.93 -15.51
C LEU A 253 -0.38 1.00 -14.07
N ILE A 254 -1.63 0.68 -13.84
CA ILE A 254 -2.21 0.74 -12.50
C ILE A 254 -2.83 -0.60 -12.21
N LEU A 255 -2.74 -1.04 -10.96
CA LEU A 255 -3.44 -2.22 -10.47
C LEU A 255 -4.43 -1.74 -9.43
N SER A 256 -5.69 -2.19 -9.47
CA SER A 256 -6.60 -1.74 -8.42
C SER A 256 -7.65 -2.83 -8.19
N LYS A 257 -8.31 -2.78 -7.06
CA LYS A 257 -9.29 -3.83 -6.80
C LYS A 257 -10.47 -3.28 -6.08
N SER A 258 -11.55 -4.02 -6.19
CA SER A 258 -12.82 -3.73 -5.56
C SER A 258 -13.20 -5.02 -4.81
N CYS A 259 -14.49 -5.32 -4.69
CA CYS A 259 -14.97 -6.53 -3.99
C CYS A 259 -15.44 -7.55 -5.01
N GLU A 260 -14.98 -7.45 -6.26
CA GLU A 260 -15.47 -8.33 -7.32
C GLU A 260 -14.55 -9.52 -7.59
N ASN A 261 -13.63 -9.82 -6.66
CA ASN A 261 -12.72 -10.97 -6.74
C ASN A 261 -11.76 -10.91 -7.95
N ALA A 262 -11.29 -9.69 -8.27
CA ALA A 262 -10.34 -9.42 -9.35
C ALA A 262 -9.55 -8.17 -9.06
N ILE A 263 -8.25 -8.24 -9.38
CA ILE A 263 -7.36 -7.08 -9.40
C ILE A 263 -7.30 -6.78 -10.89
N VAL A 264 -7.65 -5.55 -11.25
CA VAL A 264 -7.72 -5.07 -12.63
C VAL A 264 -6.45 -4.29 -12.96
N CYS A 265 -5.86 -4.56 -14.14
CA CYS A 265 -4.65 -3.90 -14.64
C CYS A 265 -5.12 -2.99 -15.73
N TRP A 266 -4.85 -1.70 -15.58
CA TRP A 266 -5.38 -0.74 -16.52
C TRP A 266 -4.49 0.47 -16.66
N LYS A 267 -4.85 1.38 -17.55
CA LYS A 267 -4.08 2.59 -17.76
C LYS A 267 -5.03 3.67 -18.27
N PRO A 268 -4.79 4.94 -17.95
CA PRO A 268 -5.64 6.00 -18.49
C PRO A 268 -5.44 6.13 -19.99
N GLY A 269 -6.50 6.54 -20.68
CA GLY A 269 -6.50 6.77 -22.12
C GLY A 269 -6.66 5.53 -22.97
N LYS A 270 -6.40 5.69 -24.28
CA LYS A 270 -6.43 4.61 -25.26
C LYS A 270 -5.11 3.85 -25.15
N MET A 271 -5.02 2.68 -25.83
CA MET A 271 -3.85 1.80 -25.81
C MET A 271 -2.52 2.49 -26.03
N GLU A 272 -2.46 3.43 -26.97
CA GLU A 272 -1.21 4.08 -27.38
C GLU A 272 -0.92 5.40 -26.68
N ASP A 273 -1.83 5.85 -25.80
CA ASP A 273 -1.67 7.11 -25.08
C ASP A 273 -0.59 7.09 -24.01
N ASP A 274 0.30 8.10 -24.04
CA ASP A 274 1.34 8.21 -23.04
C ASP A 274 0.74 8.88 -21.82
N ILE A 275 1.04 8.33 -20.63
CA ILE A 275 0.52 8.81 -19.36
C ILE A 275 0.79 10.31 -19.12
N ASP A 276 1.95 10.80 -19.59
CA ASP A 276 2.32 12.19 -19.39
C ASP A 276 1.66 13.16 -20.37
N LYS A 277 0.89 12.64 -21.35
CA LYS A 277 0.13 13.47 -22.30
C LYS A 277 -1.39 13.39 -22.07
N ILE A 278 -1.81 12.63 -21.04
CA ILE A 278 -3.22 12.48 -20.65
C ILE A 278 -3.70 13.80 -20.07
N LYS A 279 -4.87 14.25 -20.51
CA LYS A 279 -5.47 15.48 -20.04
C LYS A 279 -6.61 15.19 -19.08
N PRO A 280 -6.95 16.14 -18.17
CA PRO A 280 -8.06 15.91 -17.23
C PRO A 280 -9.39 15.52 -17.85
N SER A 281 -9.64 15.90 -19.12
CA SER A 281 -10.86 15.61 -19.88
C SER A 281 -10.89 14.21 -20.52
N GLU A 282 -9.80 13.42 -20.37
CA GLU A 282 -9.71 12.07 -20.92
C GLU A 282 -10.84 11.19 -20.40
N SER A 283 -11.62 10.61 -21.34
CA SER A 283 -12.80 9.80 -21.03
C SER A 283 -12.57 8.31 -21.24
N ASN A 284 -11.48 7.94 -21.88
CA ASN A 284 -11.15 6.54 -22.12
C ASN A 284 -10.20 5.94 -21.06
N VAL A 285 -10.28 4.64 -20.88
CA VAL A 285 -9.44 3.82 -20.01
C VAL A 285 -9.22 2.53 -20.77
N THR A 286 -8.01 1.98 -20.67
CA THR A 286 -7.67 0.72 -21.30
C THR A 286 -7.51 -0.32 -20.21
N ILE A 287 -8.31 -1.38 -20.26
CA ILE A 287 -8.22 -2.47 -19.29
C ILE A 287 -7.43 -3.60 -19.97
N LEU A 288 -6.19 -3.83 -19.54
CA LEU A 288 -5.29 -4.85 -20.07
C LEU A 288 -5.62 -6.25 -19.61
N GLY A 289 -6.17 -6.39 -18.41
CA GLY A 289 -6.46 -7.71 -17.88
C GLY A 289 -6.74 -7.72 -16.39
N ARG A 290 -7.04 -8.92 -15.87
CA ARG A 290 -7.41 -9.13 -14.48
C ARG A 290 -6.68 -10.31 -13.89
N PHE A 291 -6.44 -10.26 -12.58
CA PHE A 291 -5.87 -11.36 -11.81
C PHE A 291 -7.08 -11.79 -10.96
N ASP A 292 -7.61 -12.98 -11.22
CA ASP A 292 -8.80 -13.54 -10.58
C ASP A 292 -8.46 -14.38 -9.38
N TYR A 293 -9.36 -14.40 -8.41
CA TYR A 293 -9.21 -15.13 -7.15
C TYR A 293 -10.62 -15.38 -6.61
N SER A 294 -10.75 -15.90 -5.40
CA SER A 294 -12.07 -16.21 -4.85
C SER A 294 -12.15 -15.80 -3.41
N GLN A 295 -13.38 -15.62 -2.91
CA GLN A 295 -13.67 -15.37 -1.49
C GLN A 295 -12.88 -14.20 -0.88
N CYS A 296 -12.90 -13.06 -1.56
CA CYS A 296 -12.26 -11.85 -1.05
C CYS A 296 -13.17 -10.70 -1.50
N ASP A 297 -14.41 -10.72 -0.98
CA ASP A 297 -15.45 -9.76 -1.33
C ASP A 297 -15.87 -8.91 -0.12
N ILE A 298 -15.07 -8.94 0.95
CA ILE A 298 -15.30 -8.08 2.12
C ILE A 298 -14.44 -6.84 1.95
N TRP A 299 -14.85 -5.75 2.58
CA TRP A 299 -14.10 -4.51 2.43
C TRP A 299 -12.77 -4.54 3.14
N TYR A 300 -11.80 -3.82 2.57
CA TYR A 300 -10.52 -3.50 3.19
C TYR A 300 -9.60 -4.69 3.26
N MET A 301 -9.22 -5.16 2.09
CA MET A 301 -8.29 -6.27 1.91
C MET A 301 -7.30 -5.72 0.90
N ARG A 302 -6.05 -5.52 1.32
CA ARG A 302 -5.02 -4.94 0.48
C ARG A 302 -4.19 -6.00 -0.21
N PHE A 303 -3.74 -5.70 -1.43
CA PHE A 303 -2.78 -6.58 -2.11
C PHE A 303 -1.42 -5.88 -2.01
N SER A 304 -0.35 -6.60 -2.32
CA SER A 304 0.98 -5.97 -2.28
C SER A 304 1.90 -6.48 -3.37
N MET A 305 2.94 -5.73 -3.68
CA MET A 305 3.95 -6.15 -4.63
C MET A 305 5.28 -6.15 -3.97
N ASP A 306 6.26 -6.84 -4.56
CA ASP A 306 7.57 -6.78 -3.97
C ASP A 306 8.27 -5.49 -4.46
N PHE A 307 9.45 -5.21 -3.91
CA PHE A 307 10.23 -4.01 -4.20
C PHE A 307 10.51 -3.84 -5.70
N TRP A 308 10.83 -4.93 -6.38
CA TRP A 308 11.18 -4.96 -7.80
C TRP A 308 9.96 -5.15 -8.68
N GLN A 309 8.76 -5.23 -8.05
CA GLN A 309 7.49 -5.40 -8.78
C GLN A 309 7.49 -6.60 -9.73
N LYS A 310 7.95 -7.76 -9.25
CA LYS A 310 7.90 -8.96 -10.07
C LYS A 310 6.90 -9.93 -9.51
N MET A 311 6.44 -9.71 -8.26
CA MET A 311 5.45 -10.59 -7.63
C MET A 311 4.30 -9.75 -7.08
N LEU A 312 3.07 -10.29 -7.12
CA LEU A 312 1.85 -9.65 -6.57
C LEU A 312 1.22 -10.64 -5.59
N ALA A 313 0.81 -10.17 -4.39
CA ALA A 313 0.19 -11.10 -3.47
C ALA A 313 -1.05 -10.49 -2.84
N LEU A 314 -2.04 -11.33 -2.58
CA LEU A 314 -3.29 -10.92 -1.92
C LEU A 314 -3.79 -12.07 -1.06
N GLY A 315 -4.21 -11.78 0.17
CA GLY A 315 -4.85 -12.79 1.01
C GLY A 315 -6.35 -12.71 0.84
N ASN A 316 -7.07 -13.80 1.14
CA ASN A 316 -8.53 -13.76 1.00
C ASN A 316 -9.23 -13.89 2.38
N GLN A 317 -10.57 -13.86 2.41
CA GLN A 317 -11.27 -13.83 3.70
C GLN A 317 -11.29 -15.18 4.45
N VAL A 318 -10.67 -16.24 3.87
CA VAL A 318 -10.67 -17.57 4.47
C VAL A 318 -9.23 -18.08 4.72
N GLY A 319 -8.26 -17.18 4.62
CA GLY A 319 -6.88 -17.53 4.91
C GLY A 319 -6.05 -18.09 3.77
N LYS A 320 -6.56 -17.99 2.56
CA LYS A 320 -5.80 -18.42 1.38
C LYS A 320 -5.03 -17.22 0.85
N LEU A 321 -3.74 -17.44 0.51
CA LEU A 321 -2.85 -16.43 -0.05
C LEU A 321 -2.69 -16.70 -1.51
N TYR A 322 -2.79 -15.67 -2.35
CA TYR A 322 -2.59 -15.80 -3.81
C TYR A 322 -1.31 -15.04 -4.15
N VAL A 323 -0.42 -15.61 -4.98
CA VAL A 323 0.85 -14.99 -5.40
C VAL A 323 0.92 -15.16 -6.90
N TRP A 324 1.05 -14.04 -7.64
CA TRP A 324 1.12 -14.06 -9.09
C TRP A 324 2.49 -13.62 -9.54
N ASP A 325 2.97 -14.21 -10.64
CA ASP A 325 4.25 -13.80 -11.21
C ASP A 325 3.92 -12.68 -12.18
N LEU A 326 4.42 -11.46 -11.95
CA LEU A 326 4.11 -10.35 -12.86
C LEU A 326 4.94 -10.37 -14.12
N GLU A 327 6.02 -11.16 -14.13
CA GLU A 327 6.86 -11.25 -15.35
C GLU A 327 6.33 -12.27 -16.39
N VAL A 328 5.15 -12.88 -16.18
CA VAL A 328 4.61 -13.76 -17.24
C VAL A 328 3.56 -12.93 -17.98
N GLU A 329 3.96 -12.49 -19.19
CA GLU A 329 3.17 -11.62 -20.08
C GLU A 329 2.12 -12.34 -20.90
N ASP A 330 2.28 -13.67 -21.08
CA ASP A 330 1.39 -14.55 -21.81
C ASP A 330 0.14 -14.78 -20.96
N PRO A 331 -1.07 -14.42 -21.44
CA PRO A 331 -2.27 -14.61 -20.60
C PRO A 331 -2.70 -16.09 -20.38
N HIS A 332 -2.11 -17.04 -21.15
CA HIS A 332 -2.40 -18.47 -21.11
C HIS A 332 -1.60 -19.22 -20.05
N LYS A 333 -0.30 -18.89 -19.92
CA LYS A 333 0.66 -19.56 -19.05
C LYS A 333 0.32 -19.49 -17.55
N ALA A 334 0.87 -20.47 -16.77
CA ALA A 334 0.71 -20.56 -15.33
C ALA A 334 1.32 -19.31 -14.73
N LYS A 335 0.53 -18.58 -13.95
CA LYS A 335 0.93 -17.30 -13.38
C LYS A 335 0.69 -17.23 -11.88
N CYS A 336 -0.28 -18.02 -11.37
CA CYS A 336 -0.78 -18.00 -9.99
C CYS A 336 -0.41 -19.20 -9.08
N THR A 337 0.15 -18.93 -7.88
CA THR A 337 0.46 -19.91 -6.84
C THR A 337 -0.47 -19.58 -5.64
N THR A 338 -1.16 -20.60 -5.09
CA THR A 338 -2.05 -20.46 -3.94
C THR A 338 -1.42 -21.12 -2.72
N LEU A 339 -1.37 -20.39 -1.58
CA LEU A 339 -0.74 -20.82 -0.35
C LEU A 339 -1.74 -20.96 0.80
N THR A 340 -1.87 -22.19 1.31
CA THR A 340 -2.80 -22.48 2.40
C THR A 340 -2.09 -23.18 3.53
N HIS A 341 -2.67 -23.03 4.74
CA HIS A 341 -2.22 -23.69 5.96
C HIS A 341 -3.52 -24.00 6.71
N HIS A 342 -3.73 -25.27 7.12
CA HIS A 342 -4.96 -25.71 7.80
C HIS A 342 -5.34 -24.87 9.03
N LYS A 343 -4.34 -24.24 9.70
CA LYS A 343 -4.54 -23.38 10.87
C LYS A 343 -4.82 -21.91 10.50
N CYS A 344 -4.62 -21.54 9.22
CA CYS A 344 -4.85 -20.17 8.73
C CYS A 344 -6.22 -20.13 8.10
N GLY A 345 -7.23 -19.80 8.89
CA GLY A 345 -8.61 -19.74 8.43
C GLY A 345 -9.24 -18.36 8.52
N ALA A 346 -8.51 -17.37 9.06
CA ALA A 346 -9.07 -16.00 9.20
C ALA A 346 -8.75 -15.11 7.97
N ALA A 347 -9.40 -13.93 7.87
CA ALA A 347 -9.17 -13.01 6.75
C ALA A 347 -7.79 -12.45 6.81
N ILE A 348 -7.03 -12.57 5.69
CA ILE A 348 -5.68 -12.02 5.61
C ILE A 348 -5.89 -10.58 5.12
N ARG A 349 -5.59 -9.61 5.94
CA ARG A 349 -5.84 -8.20 5.63
C ARG A 349 -4.76 -7.52 4.79
N GLN A 350 -3.49 -7.91 4.95
CA GLN A 350 -2.36 -7.33 4.18
C GLN A 350 -1.22 -8.32 4.22
N THR A 351 -0.33 -8.22 3.23
CA THR A 351 0.86 -9.03 3.09
C THR A 351 1.99 -8.06 2.86
N SER A 352 3.22 -8.46 3.19
CA SER A 352 4.41 -7.67 2.89
C SER A 352 5.54 -8.57 2.54
N PHE A 353 6.26 -8.21 1.47
CA PHE A 353 7.45 -8.94 1.02
C PHE A 353 8.67 -8.22 1.56
N SER A 354 9.72 -9.02 1.88
CA SER A 354 11.00 -8.51 2.31
C SER A 354 11.64 -7.88 1.09
N ARG A 355 12.49 -6.87 1.27
CA ARG A 355 13.15 -6.22 0.12
C ARG A 355 13.86 -7.27 -0.77
N ASP A 356 14.43 -8.33 -0.17
CA ASP A 356 15.11 -9.42 -0.89
C ASP A 356 14.15 -10.37 -1.64
N SER A 357 12.82 -10.20 -1.41
CA SER A 357 11.68 -10.95 -1.99
C SER A 357 11.71 -12.44 -1.63
N SER A 358 12.43 -12.81 -0.56
CA SER A 358 12.51 -14.20 -0.14
C SER A 358 11.54 -14.54 0.99
N ILE A 359 11.01 -13.51 1.68
CA ILE A 359 10.04 -13.73 2.77
C ILE A 359 8.75 -12.98 2.45
N LEU A 360 7.60 -13.65 2.62
CA LEU A 360 6.29 -13.02 2.49
C LEU A 360 5.60 -13.16 3.84
N ILE A 361 5.16 -12.06 4.46
CA ILE A 361 4.42 -12.12 5.74
C ILE A 361 2.95 -11.84 5.39
N ALA A 362 2.01 -12.54 6.05
CA ALA A 362 0.59 -12.31 5.94
C ALA A 362 0.08 -12.05 7.36
N VAL A 363 -0.80 -11.02 7.54
CA VAL A 363 -1.38 -10.72 8.87
C VAL A 363 -2.87 -10.94 8.84
N CYS A 364 -3.52 -11.38 9.96
CA CYS A 364 -4.93 -11.78 9.95
C CYS A 364 -5.84 -11.13 10.96
N ASP A 365 -7.15 -11.34 10.76
CA ASP A 365 -8.25 -10.87 11.61
C ASP A 365 -8.24 -11.48 13.02
N ASP A 366 -7.68 -12.67 13.16
CA ASP A 366 -7.60 -13.34 14.48
C ASP A 366 -6.25 -13.05 15.18
N ALA A 367 -5.58 -11.93 14.81
CA ALA A 367 -4.29 -11.47 15.36
C ALA A 367 -3.09 -12.37 15.02
N SER A 368 -3.25 -13.28 14.05
CA SER A 368 -2.12 -14.14 13.66
C SER A 368 -1.24 -13.51 12.56
N ILE A 369 0.07 -13.85 12.58
CA ILE A 369 1.14 -13.47 11.65
C ILE A 369 1.65 -14.79 11.04
N TRP A 370 1.77 -14.83 9.70
CA TRP A 370 2.21 -16.01 8.97
C TRP A 370 3.42 -15.70 8.15
N ARG A 371 4.48 -16.48 8.38
CA ARG A 371 5.73 -16.32 7.67
C ARG A 371 5.86 -17.37 6.58
N TRP A 372 6.03 -16.90 5.34
CA TRP A 372 6.21 -17.81 4.20
C TRP A 372 7.54 -17.52 3.55
N ASP A 373 8.41 -18.56 3.47
CA ASP A 373 9.73 -18.44 2.90
C ASP A 373 9.77 -18.99 1.48
N ARG A 374 10.35 -18.20 0.57
CA ARG A 374 10.43 -18.56 -0.84
C ARG A 374 11.57 -19.56 -1.03
N LEU A 375 11.26 -20.77 -1.51
CA LEU A 375 12.27 -21.79 -1.79
C LEU A 375 12.27 -22.20 -3.25
C1 GOL B . -3.23 -10.86 -16.59
O1 GOL B . -3.68 -12.14 -17.01
C2 GOL B . -2.55 -10.15 -17.73
O2 GOL B . -1.43 -10.91 -18.18
C3 GOL B . -2.08 -8.76 -17.34
O3 GOL B . -3.12 -8.01 -16.74
PR PR C . 8.38 -12.87 -19.35
C1 LQA D . -12.60 0.27 9.86
C2 LQA D . -10.38 -0.56 8.37
C11 LQA D . -8.91 -2.46 7.47
C12 LQA D . -10.36 1.51 7.08
C13 LQA D . -7.87 -2.86 6.63
C14 LQA D . -7.15 -1.95 5.88
C17 LQA D . -13.08 -3.06 13.78
C18 LQA D . -7.45 -0.58 5.92
C19 LQA D . -12.42 -1.07 12.61
C20 LQA D . -12.80 -1.69 13.80
C24 LQA D . -8.85 1.32 6.84
C25 LQA D . -6.47 -3.95 5.37
C26 LQA D . -12.74 -3.11 11.33
C27 LQA D . -13.06 -3.78 12.55
C29 LQA D . -13.31 -4.96 15.49
C30 LQA D . -12.88 0.44 15.16
N3 LQA D . -10.95 0.62 8.09
C4 LQA D . -12.06 1.05 8.72
C5 LQA D . -12.04 -0.92 10.16
C6 LQA D . -10.89 -1.34 9.35
C7 LQA D . -9.22 -1.08 7.56
C8 LQA D . -12.45 -1.75 11.37
C9 LQA D . -8.51 -0.18 6.74
C10 LQA D . -13.74 0.79 10.56
N15 LQA D . -14.68 1.20 11.11
N16 LQA D . -12.69 2.12 8.44
O21 LQA D . -7.41 -4.15 6.48
O22 LQA D . -6.14 -2.54 5.15
O23 LQA D . -13.42 -3.60 15.04
O28 LQA D . -12.87 -0.99 15.03
C31 LQA D . -11.88 -5.22 16.00
C32 LQA D . -14.28 -5.04 16.71
#